data_8XF8
#
_entry.id   8XF8
#
_cell.length_a   76.223
_cell.length_b   76.223
_cell.length_c   102.502
_cell.angle_alpha   90.000
_cell.angle_beta   90.000
_cell.angle_gamma   120.000
#
_symmetry.space_group_name_H-M   'P 65'
#
loop_
_entity.id
_entity.type
_entity.pdbx_description
1 polymer 'Iron-hydroxamate ABC transporter substrate-binding protein FtsB'
2 non-polymer 'Ferrioxamine B'
3 non-polymer 'ZINC ION'
4 non-polymer 1,2-ETHANEDIOL
5 non-polymer 'methanesulfonic acid'
6 non-polymer 'SODIUM ION'
7 water water
#
_entity_poly.entity_id   1
_entity_poly.type   'polypeptide(L)'
_entity_poly.pdbx_seq_one_letter_code
;SNTASKSLSPMPQIAGVTYYGDIPKQPKRVVSLASTYTGYLKKLDMNLVGVTSYDKKNPILAKTVKKAKQVAATDLEAIT
TLKPDLIVVGSTEENIKQLAEIAPVISIEYRKRDYLQVLSDFGRIFNKEGKAKKWLKDWKTKTAAYEKEVKAVTGDKATF
TIMGLYEKDVYLFGKDWGRGGEIIHQAFHYDAPEKVKTEVFKQGYLSLSQEVLPDYIGDYVVIAAEDDKTGSALYESKLW
QSIPAVKKHHVIKVNANVFYFTDPLSLEYQLETLREAILSSEN
;
_entity_poly.pdbx_strand_id   A
#
loop_
_chem_comp.id
_chem_comp.type
_chem_comp.name
_chem_comp.formula
03S non-polymer 'methanesulfonic acid' 'C H4 O3 S'
0UE non-polymer 'Ferrioxamine B' 'C25 H45 Fe N6 O8'
EDO non-polymer 1,2-ETHANEDIOL 'C2 H6 O2'
NA non-polymer 'SODIUM ION' 'Na 1'
ZN non-polymer 'ZINC ION' 'Zn 2'
#
# COMPACT_ATOMS: atom_id res chain seq x y z
N SER A 5 -28.58 -19.97 4.75
CA SER A 5 -27.76 -18.88 4.15
C SER A 5 -26.97 -18.16 5.24
N LYS A 6 -26.09 -17.26 4.81
CA LYS A 6 -25.10 -16.61 5.65
C LYS A 6 -25.73 -15.43 6.39
N SER A 7 -25.30 -15.19 7.63
CA SER A 7 -25.56 -13.92 8.29
C SER A 7 -24.93 -12.81 7.46
N LEU A 8 -25.66 -11.71 7.27
CA LEU A 8 -25.24 -10.72 6.28
C LEU A 8 -24.60 -9.49 6.91
N SER A 9 -23.60 -9.00 6.18
CA SER A 9 -23.06 -7.68 6.41
C SER A 9 -24.18 -6.65 6.37
N PRO A 10 -24.10 -5.56 7.16
CA PRO A 10 -25.01 -4.44 6.98
C PRO A 10 -24.84 -3.70 5.66
N MET A 11 -23.75 -3.97 4.92
CA MET A 11 -23.56 -3.43 3.58
C MET A 11 -23.80 -1.93 3.56
N PRO A 12 -23.04 -1.18 4.37
CA PRO A 12 -23.18 0.28 4.37
C PRO A 12 -22.79 0.87 3.03
N GLN A 13 -23.46 1.95 2.67
CA GLN A 13 -23.12 2.70 1.48
C GLN A 13 -21.92 3.58 1.79
N ILE A 14 -20.80 3.27 1.11
CA ILE A 14 -19.52 3.93 1.33
C ILE A 14 -18.94 4.27 -0.03
N ALA A 15 -18.41 5.48 -0.18
CA ALA A 15 -17.83 5.91 -1.43
C ALA A 15 -16.80 4.88 -1.90
N GLY A 16 -16.91 4.49 -3.16
CA GLY A 16 -15.98 3.57 -3.78
C GLY A 16 -16.31 2.08 -3.56
N VAL A 17 -17.30 1.77 -2.73
CA VAL A 17 -17.61 0.38 -2.42
C VAL A 17 -18.87 -0.04 -3.17
N THR A 18 -18.77 -1.11 -3.96
CA THR A 18 -19.93 -1.69 -4.63
C THR A 18 -20.07 -3.14 -4.22
N TYR A 19 -21.29 -3.55 -3.88
CA TYR A 19 -21.59 -4.93 -3.50
C TYR A 19 -22.31 -5.64 -4.63
N TYR A 20 -21.89 -6.86 -4.91
CA TYR A 20 -22.57 -7.74 -5.85
C TYR A 20 -23.03 -8.96 -5.07
N GLY A 21 -24.33 -9.06 -4.83
CA GLY A 21 -24.85 -10.13 -4.00
C GLY A 21 -24.85 -9.76 -2.52
N ASP A 22 -25.26 -10.72 -1.71
CA ASP A 22 -25.41 -10.53 -0.28
C ASP A 22 -24.09 -10.86 0.40
N ILE A 23 -23.41 -9.83 0.89
CA ILE A 23 -22.09 -9.99 1.47
C ILE A 23 -22.24 -10.64 2.84
N PRO A 24 -21.49 -11.71 3.16
CA PRO A 24 -21.52 -12.27 4.50
C PRO A 24 -20.86 -11.35 5.52
N LYS A 25 -21.40 -11.33 6.74
CA LYS A 25 -20.80 -10.54 7.82
C LYS A 25 -19.53 -11.19 8.33
N GLN A 26 -19.53 -12.53 8.36
CA GLN A 26 -18.45 -13.31 8.92
C GLN A 26 -17.99 -14.33 7.89
N PRO A 27 -17.43 -13.88 6.74
CA PRO A 27 -17.00 -14.83 5.72
C PRO A 27 -15.91 -15.72 6.30
N LYS A 28 -15.94 -16.99 5.89
CA LYS A 28 -15.01 -18.00 6.37
C LYS A 28 -13.95 -18.35 5.34
N ARG A 29 -14.17 -18.00 4.06
CA ARG A 29 -13.31 -18.42 2.97
C ARG A 29 -13.25 -17.31 1.92
N VAL A 30 -12.31 -16.39 2.13
CA VAL A 30 -12.23 -15.19 1.31
C VAL A 30 -11.17 -15.36 0.24
N VAL A 31 -11.53 -14.95 -0.98
CA VAL A 31 -10.57 -14.81 -2.07
C VAL A 31 -10.33 -13.32 -2.30
N SER A 32 -9.07 -12.90 -2.11
CA SER A 32 -8.67 -11.52 -2.32
C SER A 32 -7.99 -11.40 -3.67
N LEU A 33 -8.63 -10.67 -4.58
CA LEU A 33 -8.08 -10.45 -5.92
C LEU A 33 -7.56 -9.02 -6.06
N ALA A 34 -7.59 -8.23 -5.01
CA ALA A 34 -7.05 -6.88 -5.03
C ALA A 34 -5.96 -6.77 -3.98
N SER A 35 -4.71 -6.76 -4.43
CA SER A 35 -3.59 -6.78 -3.50
CA SER A 35 -3.53 -6.72 -3.57
C SER A 35 -3.63 -5.58 -2.58
N THR A 36 -4.23 -4.47 -3.01
CA THR A 36 -4.36 -3.29 -2.16
C THR A 36 -5.00 -3.66 -0.81
N TYR A 37 -5.96 -4.59 -0.83
CA TYR A 37 -6.81 -4.81 0.33
C TYR A 37 -6.48 -6.08 1.12
N THR A 38 -5.65 -6.99 0.60
CA THR A 38 -5.41 -8.26 1.25
C THR A 38 -5.00 -8.08 2.71
N GLY A 39 -4.07 -7.17 2.98
CA GLY A 39 -3.56 -7.01 4.34
C GLY A 39 -4.57 -6.38 5.28
N TYR A 40 -5.54 -5.63 4.76
CA TYR A 40 -6.62 -5.14 5.60
C TYR A 40 -7.45 -6.32 6.10
N LEU A 41 -7.77 -7.24 5.19
CA LEU A 41 -8.57 -8.42 5.51
C LEU A 41 -7.82 -9.27 6.54
N LYS A 42 -6.50 -9.42 6.37
CA LYS A 42 -5.71 -10.17 7.32
CA LYS A 42 -5.71 -10.15 7.32
C LYS A 42 -5.68 -9.46 8.68
N LYS A 43 -5.56 -8.13 8.70
CA LYS A 43 -5.54 -7.41 9.96
C LYS A 43 -6.85 -7.63 10.72
N LEU A 44 -7.96 -7.83 10.00
CA LEU A 44 -9.24 -8.08 10.63
C LEU A 44 -9.50 -9.59 10.81
N ASP A 45 -8.45 -10.41 10.72
CA ASP A 45 -8.50 -11.83 11.07
C ASP A 45 -9.40 -12.64 10.14
N MET A 46 -9.44 -12.26 8.86
CA MET A 46 -10.15 -13.03 7.85
CA MET A 46 -10.17 -13.06 7.90
CA MET A 46 -10.16 -13.01 7.84
C MET A 46 -9.29 -14.20 7.39
N ASN A 47 -9.96 -15.31 7.09
CA ASN A 47 -9.33 -16.48 6.52
C ASN A 47 -9.32 -16.32 5.01
N LEU A 48 -8.12 -16.09 4.49
CA LEU A 48 -7.93 -15.92 3.06
CA LEU A 48 -7.93 -15.92 3.05
C LEU A 48 -7.53 -17.26 2.46
N VAL A 49 -8.35 -17.76 1.53
CA VAL A 49 -8.07 -19.01 0.85
C VAL A 49 -7.47 -18.78 -0.52
N GLY A 50 -7.57 -17.56 -1.06
CA GLY A 50 -6.91 -17.19 -2.30
C GLY A 50 -6.40 -15.76 -2.19
N VAL A 51 -5.22 -15.52 -2.76
CA VAL A 51 -4.59 -14.20 -2.82
C VAL A 51 -3.90 -14.07 -4.17
N THR A 52 -3.35 -12.90 -4.52
N THR A 52 -3.29 -12.88 -4.39
CA THR A 52 -2.75 -12.84 -5.84
CA THR A 52 -2.70 -12.49 -5.66
C THR A 52 -1.22 -12.78 -5.73
C THR A 52 -1.20 -12.76 -5.70
N SER A 53 -0.62 -12.67 -6.92
CA SER A 53 0.83 -12.76 -7.06
CA SER A 53 0.83 -12.74 -7.08
C SER A 53 1.55 -11.69 -6.24
N TYR A 54 1.07 -10.44 -6.29
CA TYR A 54 1.73 -9.38 -5.53
C TYR A 54 1.72 -9.71 -4.05
N ASP A 55 0.62 -10.29 -3.56
CA ASP A 55 0.53 -10.68 -2.16
C ASP A 55 1.60 -11.70 -1.80
N LYS A 56 1.76 -12.74 -2.63
CA LYS A 56 2.73 -13.78 -2.37
C LYS A 56 4.17 -13.26 -2.45
N LYS A 57 4.40 -12.21 -3.22
CA LYS A 57 5.74 -11.63 -3.35
C LYS A 57 6.03 -10.57 -2.28
N ASN A 58 5.05 -10.24 -1.45
CA ASN A 58 5.24 -9.32 -0.34
C ASN A 58 5.63 -10.16 0.86
N PRO A 59 6.90 -10.15 1.34
CA PRO A 59 7.28 -11.09 2.40
C PRO A 59 6.52 -10.91 3.71
N ILE A 60 6.08 -9.68 3.98
CA ILE A 60 5.35 -9.43 5.21
CA ILE A 60 5.35 -9.41 5.21
C ILE A 60 3.98 -10.09 5.14
N LEU A 61 3.27 -9.88 4.03
CA LEU A 61 1.97 -10.48 3.88
CA LEU A 61 1.96 -10.48 3.84
C LEU A 61 2.09 -11.99 3.68
N ALA A 62 3.08 -12.42 2.89
CA ALA A 62 3.18 -13.83 2.52
C ALA A 62 3.22 -14.73 3.76
N LYS A 63 3.89 -14.28 4.82
CA LYS A 63 4.02 -15.08 6.03
C LYS A 63 2.67 -15.39 6.67
N THR A 64 1.65 -14.55 6.39
CA THR A 64 0.35 -14.68 7.02
C THR A 64 -0.65 -15.42 6.13
N VAL A 65 -0.29 -15.72 4.88
CA VAL A 65 -1.22 -16.33 3.93
C VAL A 65 -0.59 -17.56 3.28
N LYS A 66 0.21 -18.31 4.04
CA LYS A 66 0.91 -19.46 3.48
C LYS A 66 -0.09 -20.49 2.94
N LYS A 67 -1.25 -20.63 3.60
CA LYS A 67 -2.23 -21.64 3.21
C LYS A 67 -3.10 -21.15 2.06
N ALA A 68 -3.05 -19.85 1.72
CA ALA A 68 -3.83 -19.36 0.61
C ALA A 68 -3.19 -19.78 -0.71
N LYS A 69 -4.03 -20.08 -1.69
CA LYS A 69 -3.59 -20.36 -3.05
CA LYS A 69 -3.59 -20.36 -3.05
C LYS A 69 -3.44 -19.05 -3.83
N GLN A 70 -2.36 -18.93 -4.58
CA GLN A 70 -2.20 -17.83 -5.50
C GLN A 70 -3.15 -18.06 -6.67
N VAL A 71 -3.97 -17.05 -6.97
CA VAL A 71 -4.91 -17.09 -8.09
C VAL A 71 -4.88 -15.73 -8.80
N ALA A 72 -5.31 -15.75 -10.05
CA ALA A 72 -5.62 -14.54 -10.79
C ALA A 72 -7.13 -14.42 -10.96
N ALA A 73 -7.61 -13.24 -11.34
CA ALA A 73 -9.03 -13.00 -11.48
C ALA A 73 -9.63 -13.86 -12.60
N THR A 74 -8.82 -14.27 -13.58
CA THR A 74 -9.26 -15.13 -14.66
C THR A 74 -9.42 -16.60 -14.24
N ASP A 75 -8.96 -16.97 -13.04
CA ASP A 75 -8.97 -18.35 -12.60
C ASP A 75 -10.35 -18.76 -12.10
N LEU A 76 -11.35 -18.72 -12.97
CA LEU A 76 -12.71 -19.00 -12.53
C LEU A 76 -12.81 -20.42 -11.97
N GLU A 77 -12.11 -21.38 -12.60
CA GLU A 77 -12.17 -22.76 -12.16
C GLU A 77 -11.53 -22.92 -10.77
N ALA A 78 -10.33 -22.38 -10.59
CA ALA A 78 -9.63 -22.53 -9.31
C ALA A 78 -10.40 -21.79 -8.22
N ILE A 79 -10.92 -20.61 -8.53
CA ILE A 79 -11.66 -19.84 -7.53
C ILE A 79 -12.92 -20.59 -7.15
N THR A 80 -13.62 -21.16 -8.13
CA THR A 80 -14.82 -21.92 -7.82
C THR A 80 -14.48 -23.06 -6.86
N THR A 81 -13.38 -23.79 -7.14
CA THR A 81 -13.00 -24.97 -6.39
CA THR A 81 -13.09 -24.98 -6.35
C THR A 81 -12.55 -24.61 -4.97
N LEU A 82 -12.12 -23.34 -4.77
CA LEU A 82 -11.76 -22.88 -3.43
C LEU A 82 -13.00 -22.68 -2.56
N LYS A 83 -14.19 -22.71 -3.16
CA LYS A 83 -15.46 -22.58 -2.43
C LYS A 83 -15.46 -21.33 -1.56
N PRO A 84 -15.19 -20.15 -2.15
CA PRO A 84 -15.23 -18.92 -1.35
C PRO A 84 -16.66 -18.56 -0.97
N ASP A 85 -16.78 -17.85 0.14
CA ASP A 85 -18.03 -17.18 0.47
C ASP A 85 -17.95 -15.66 0.27
N LEU A 86 -16.78 -15.17 -0.17
CA LEU A 86 -16.61 -13.76 -0.49
C LEU A 86 -15.41 -13.62 -1.40
N ILE A 87 -15.54 -12.76 -2.42
CA ILE A 87 -14.46 -12.35 -3.28
C ILE A 87 -14.32 -10.83 -3.19
N VAL A 88 -13.09 -10.34 -3.03
CA VAL A 88 -12.82 -8.91 -3.00
C VAL A 88 -12.00 -8.56 -4.23
N VAL A 89 -12.44 -7.51 -4.93
N VAL A 89 -12.40 -7.49 -4.91
CA VAL A 89 -11.82 -7.09 -6.19
CA VAL A 89 -11.77 -7.12 -6.16
C VAL A 89 -11.65 -5.57 -6.21
C VAL A 89 -11.68 -5.60 -6.26
N GLY A 90 -10.76 -5.13 -7.11
CA GLY A 90 -10.70 -3.72 -7.47
C GLY A 90 -11.70 -3.42 -8.57
N SER A 91 -12.17 -2.17 -8.61
CA SER A 91 -13.24 -1.78 -9.51
C SER A 91 -12.87 -1.88 -10.98
N THR A 92 -11.58 -1.93 -11.31
CA THR A 92 -11.16 -1.99 -12.71
C THR A 92 -11.04 -3.42 -13.21
N GLU A 93 -11.32 -4.42 -12.38
CA GLU A 93 -11.34 -5.79 -12.88
C GLU A 93 -12.43 -5.93 -13.95
N GLU A 94 -12.21 -6.75 -14.97
CA GLU A 94 -13.15 -6.72 -16.09
C GLU A 94 -14.10 -7.90 -16.12
N ASN A 95 -13.97 -8.83 -15.18
CA ASN A 95 -14.84 -10.00 -15.19
C ASN A 95 -15.61 -10.10 -13.88
N ILE A 96 -16.00 -8.94 -13.31
CA ILE A 96 -16.68 -8.93 -12.04
C ILE A 96 -17.99 -9.73 -12.14
N LYS A 97 -18.67 -9.65 -13.28
CA LYS A 97 -19.92 -10.36 -13.46
C LYS A 97 -19.71 -11.87 -13.28
N GLN A 98 -18.64 -12.39 -13.88
CA GLN A 98 -18.38 -13.82 -13.79
C GLN A 98 -17.96 -14.19 -12.37
N LEU A 99 -17.17 -13.34 -11.71
CA LEU A 99 -16.76 -13.60 -10.33
C LEU A 99 -17.98 -13.63 -9.42
N ALA A 100 -18.93 -12.72 -9.65
CA ALA A 100 -20.09 -12.61 -8.78
C ALA A 100 -21.02 -13.82 -8.93
N GLU A 101 -20.87 -14.58 -10.00
CA GLU A 101 -21.61 -15.83 -10.14
C GLU A 101 -21.04 -16.92 -9.21
N ILE A 102 -19.80 -16.75 -8.77
CA ILE A 102 -19.16 -17.74 -7.91
C ILE A 102 -19.49 -17.46 -6.44
N ALA A 103 -19.37 -16.20 -6.03
CA ALA A 103 -19.62 -15.82 -4.66
C ALA A 103 -19.93 -14.34 -4.64
N PRO A 104 -20.52 -13.81 -3.55
CA PRO A 104 -20.68 -12.38 -3.41
C PRO A 104 -19.34 -11.65 -3.54
N VAL A 105 -19.40 -10.46 -4.15
CA VAL A 105 -18.22 -9.68 -4.44
C VAL A 105 -18.33 -8.30 -3.79
N ILE A 106 -17.24 -7.88 -3.14
CA ILE A 106 -17.02 -6.47 -2.81
C ILE A 106 -16.03 -5.93 -3.82
N SER A 107 -16.41 -4.87 -4.51
CA SER A 107 -15.56 -4.17 -5.44
C SER A 107 -15.22 -2.79 -4.89
N ILE A 108 -13.92 -2.45 -4.86
CA ILE A 108 -13.48 -1.18 -4.31
C ILE A 108 -12.77 -0.36 -5.38
N GLU A 109 -13.24 0.87 -5.55
CA GLU A 109 -12.60 1.85 -6.42
C GLU A 109 -11.51 2.55 -5.62
N TYR A 110 -10.27 2.40 -6.08
CA TYR A 110 -9.14 2.96 -5.37
C TYR A 110 -9.32 4.46 -5.13
N ARG A 111 -8.93 4.91 -3.94
CA ARG A 111 -8.71 6.32 -3.61
C ARG A 111 -9.97 7.04 -3.16
N LYS A 112 -11.16 6.42 -3.26
CA LYS A 112 -12.37 7.08 -2.78
C LYS A 112 -12.35 7.22 -1.26
N ARG A 113 -11.65 6.30 -0.59
CA ARG A 113 -11.45 6.33 0.86
C ARG A 113 -9.95 6.18 1.09
N ASP A 114 -9.42 6.89 2.10
CA ASP A 114 -7.99 6.93 2.31
C ASP A 114 -7.50 5.66 3.02
N TYR A 115 -6.18 5.57 3.20
CA TYR A 115 -5.61 4.30 3.61
C TYR A 115 -6.06 3.88 5.00
N LEU A 116 -6.46 4.86 5.83
CA LEU A 116 -6.97 4.59 7.17
C LEU A 116 -8.47 4.30 7.14
N GLN A 117 -9.21 5.13 6.41
CA GLN A 117 -10.64 4.95 6.26
C GLN A 117 -10.99 3.57 5.73
N VAL A 118 -10.19 3.03 4.81
CA VAL A 118 -10.48 1.71 4.27
C VAL A 118 -10.59 0.67 5.39
N LEU A 119 -9.75 0.77 6.43
CA LEU A 119 -9.78 -0.19 7.52
C LEU A 119 -11.06 -0.02 8.33
N SER A 120 -11.38 1.21 8.74
CA SER A 120 -12.61 1.39 9.50
C SER A 120 -13.84 1.04 8.66
N ASP A 121 -13.78 1.24 7.34
CA ASP A 121 -14.87 0.85 6.46
C ASP A 121 -15.06 -0.66 6.49
N PHE A 122 -13.98 -1.43 6.37
CA PHE A 122 -14.10 -2.88 6.51
C PHE A 122 -14.61 -3.24 7.91
N GLY A 123 -14.22 -2.48 8.93
CA GLY A 123 -14.77 -2.70 10.25
C GLY A 123 -16.31 -2.60 10.27
N ARG A 124 -16.86 -1.65 9.53
CA ARG A 124 -18.32 -1.52 9.45
C ARG A 124 -18.92 -2.68 8.65
N ILE A 125 -18.26 -3.05 7.55
CA ILE A 125 -18.80 -4.07 6.66
C ILE A 125 -18.86 -5.41 7.39
N PHE A 126 -17.83 -5.73 8.17
CA PHE A 126 -17.73 -7.04 8.82
C PHE A 126 -18.01 -6.98 10.33
N ASN A 127 -18.54 -5.85 10.84
CA ASN A 127 -18.81 -5.71 12.26
C ASN A 127 -17.57 -6.09 13.08
N LYS A 128 -16.42 -5.53 12.66
CA LYS A 128 -15.15 -5.64 13.35
C LYS A 128 -14.65 -4.25 13.75
N GLU A 129 -15.58 -3.45 14.26
CA GLU A 129 -15.28 -2.07 14.58
C GLU A 129 -14.20 -1.97 15.65
N GLY A 130 -14.24 -2.85 16.65
CA GLY A 130 -13.30 -2.79 17.76
C GLY A 130 -11.86 -3.02 17.30
N LYS A 131 -11.66 -4.05 16.47
CA LYS A 131 -10.33 -4.36 15.97
C LYS A 131 -9.79 -3.19 15.17
N ALA A 132 -10.62 -2.62 14.29
CA ALA A 132 -10.21 -1.50 13.46
C ALA A 132 -9.87 -0.29 14.33
N LYS A 133 -10.75 0.02 15.28
CA LYS A 133 -10.58 1.21 16.11
C LYS A 133 -9.30 1.13 16.93
N LYS A 134 -9.01 -0.04 17.49
CA LYS A 134 -7.81 -0.21 18.30
CA LYS A 134 -7.81 -0.24 18.29
C LYS A 134 -6.57 -0.02 17.44
N TRP A 135 -6.56 -0.59 16.24
CA TRP A 135 -5.40 -0.44 15.38
C TRP A 135 -5.21 1.03 15.01
N LEU A 136 -6.29 1.72 14.67
CA LEU A 136 -6.21 3.11 14.23
C LEU A 136 -5.75 4.02 15.35
N LYS A 137 -6.22 3.79 16.58
CA LYS A 137 -5.81 4.61 17.70
C LYS A 137 -4.31 4.45 17.96
N ASP A 138 -3.86 3.20 17.99
CA ASP A 138 -2.45 2.94 18.18
C ASP A 138 -1.62 3.54 17.06
N TRP A 139 -2.11 3.45 15.82
CA TRP A 139 -1.38 3.98 14.68
C TRP A 139 -1.23 5.50 14.81
N LYS A 140 -2.30 6.17 15.23
CA LYS A 140 -2.25 7.62 15.38
C LYS A 140 -1.18 8.03 16.41
N THR A 141 -1.17 7.37 17.56
CA THR A 141 -0.22 7.69 18.60
C THR A 141 1.21 7.38 18.16
N LYS A 142 1.40 6.18 17.60
CA LYS A 142 2.73 5.75 17.21
C LYS A 142 3.30 6.63 16.11
N THR A 143 2.50 6.93 15.08
CA THR A 143 2.99 7.76 14.00
C THR A 143 3.34 9.16 14.48
N ALA A 144 2.56 9.74 15.39
CA ALA A 144 2.89 11.05 15.93
C ALA A 144 4.23 10.99 16.67
N ALA A 145 4.47 9.91 17.43
CA ALA A 145 5.70 9.78 18.19
C ALA A 145 6.88 9.62 17.24
N TYR A 146 6.70 8.81 16.19
CA TYR A 146 7.78 8.58 15.25
C TYR A 146 8.06 9.83 14.42
N GLU A 147 7.01 10.58 14.08
CA GLU A 147 7.16 11.86 13.41
C GLU A 147 8.14 12.74 14.19
N LYS A 148 8.00 12.79 15.52
CA LYS A 148 8.89 13.59 16.34
CA LYS A 148 8.89 13.60 16.35
C LYS A 148 10.32 13.05 16.26
N GLU A 149 10.48 11.73 16.32
CA GLU A 149 11.82 11.15 16.25
C GLU A 149 12.52 11.52 14.94
N VAL A 150 11.82 11.42 13.81
CA VAL A 150 12.49 11.63 12.53
C VAL A 150 12.72 13.12 12.28
N LYS A 151 11.76 13.97 12.66
CA LYS A 151 11.92 15.41 12.47
C LYS A 151 12.99 15.99 13.40
N ALA A 152 13.30 15.32 14.51
CA ALA A 152 14.41 15.73 15.36
C ALA A 152 15.72 15.68 14.59
N VAL A 153 15.84 14.75 13.63
CA VAL A 153 17.05 14.57 12.85
C VAL A 153 17.06 15.51 11.64
N THR A 154 15.95 15.55 10.89
CA THR A 154 15.89 16.20 9.59
C THR A 154 15.51 17.67 9.70
N GLY A 155 14.87 18.05 10.80
CA GLY A 155 14.10 19.29 10.84
C GLY A 155 12.69 19.05 10.33
N ASP A 156 11.75 19.84 10.82
CA ASP A 156 10.35 19.59 10.55
CA ASP A 156 10.34 19.64 10.57
C ASP A 156 9.93 20.04 9.15
N LYS A 157 10.75 20.88 8.49
CA LYS A 157 10.34 21.40 7.19
C LYS A 157 11.16 20.77 6.05
N ALA A 158 11.91 19.70 6.32
CA ALA A 158 12.62 19.00 5.26
C ALA A 158 11.62 18.48 4.22
N THR A 159 11.99 18.56 2.95
CA THR A 159 11.15 18.03 1.88
C THR A 159 11.59 16.62 1.50
N PHE A 160 10.58 15.79 1.20
CA PHE A 160 10.74 14.42 0.75
C PHE A 160 10.02 14.24 -0.58
N THR A 161 10.62 13.43 -1.44
CA THR A 161 10.02 12.98 -2.69
C THR A 161 9.99 11.47 -2.69
N ILE A 162 8.83 10.91 -3.06
CA ILE A 162 8.65 9.48 -3.25
C ILE A 162 8.86 9.14 -4.73
N MET A 163 9.69 8.14 -4.97
CA MET A 163 10.07 7.74 -6.31
C MET A 163 10.04 6.22 -6.40
N GLY A 164 9.83 5.70 -7.62
CA GLY A 164 9.95 4.27 -7.87
C GLY A 164 10.56 4.01 -9.23
N LEU A 165 11.34 2.94 -9.30
CA LEU A 165 11.90 2.42 -10.54
C LEU A 165 11.11 1.20 -10.96
N TYR A 166 10.68 1.17 -12.23
CA TYR A 166 9.87 0.09 -12.72
C TYR A 166 10.22 -0.11 -14.18
N GLU A 167 10.57 -1.34 -14.56
CA GLU A 167 11.06 -1.58 -15.91
C GLU A 167 12.21 -0.61 -16.16
N LYS A 168 12.19 0.12 -17.29
CA LYS A 168 13.22 1.12 -17.57
C LYS A 168 12.71 2.53 -17.25
N ASP A 169 11.61 2.62 -16.50
CA ASP A 169 10.92 3.87 -16.25
C ASP A 169 11.17 4.39 -14.83
N VAL A 170 10.88 5.67 -14.67
CA VAL A 170 10.99 6.36 -13.40
C VAL A 170 9.65 6.99 -13.09
N TYR A 171 9.14 6.73 -11.89
CA TYR A 171 7.89 7.30 -11.41
C TYR A 171 8.13 8.13 -10.15
N LEU A 172 7.41 9.25 -10.05
CA LEU A 172 7.25 9.93 -8.77
C LEU A 172 5.85 9.64 -8.26
N PHE A 173 5.69 9.70 -6.94
CA PHE A 173 4.43 9.43 -6.29
C PHE A 173 4.11 10.53 -5.29
N GLY A 174 2.82 10.64 -4.98
CA GLY A 174 2.33 11.60 -4.02
C GLY A 174 2.20 11.01 -2.63
N LYS A 175 1.13 11.41 -1.95
CA LYS A 175 0.93 11.04 -0.55
C LYS A 175 0.07 9.79 -0.38
N ASP A 176 -0.51 9.26 -1.48
CA ASP A 176 -1.54 8.23 -1.34
C ASP A 176 -1.50 7.21 -2.47
N TRP A 177 -0.29 6.86 -2.92
CA TRP A 177 -0.10 5.88 -3.98
C TRP A 177 0.98 4.88 -3.61
N GLY A 178 1.15 4.60 -2.31
CA GLY A 178 2.14 3.64 -1.90
C GLY A 178 3.57 4.18 -2.01
N ARG A 179 4.52 3.24 -2.00
CA ARG A 179 5.96 3.50 -2.12
C ARG A 179 6.49 4.32 -0.95
N GLY A 180 5.78 4.31 0.18
CA GLY A 180 6.21 5.05 1.34
C GLY A 180 5.50 6.39 1.50
N GLY A 181 4.69 6.81 0.53
CA GLY A 181 4.08 8.12 0.59
C GLY A 181 3.12 8.31 1.75
N GLU A 182 2.34 7.27 2.07
CA GLU A 182 1.44 7.35 3.21
C GLU A 182 2.26 7.60 4.48
N ILE A 183 3.36 6.87 4.66
CA ILE A 183 4.22 7.05 5.83
CA ILE A 183 4.11 7.10 5.88
C ILE A 183 4.83 8.45 5.85
N ILE A 184 5.50 8.80 4.75
CA ILE A 184 6.29 10.02 4.72
C ILE A 184 5.40 11.26 4.79
N HIS A 185 4.37 11.31 3.95
CA HIS A 185 3.56 12.51 3.81
C HIS A 185 2.36 12.52 4.74
N GLN A 186 1.68 11.39 4.96
CA GLN A 186 0.51 11.38 5.81
C GLN A 186 0.86 11.13 7.28
N ALA A 187 1.70 10.14 7.58
CA ALA A 187 1.96 9.75 8.95
C ALA A 187 3.03 10.65 9.59
N PHE A 188 4.04 11.05 8.83
CA PHE A 188 5.10 11.90 9.35
C PHE A 188 4.89 13.37 8.98
N HIS A 189 3.92 13.66 8.12
CA HIS A 189 3.62 15.04 7.74
C HIS A 189 4.86 15.75 7.20
N TYR A 190 5.65 15.06 6.38
CA TYR A 190 6.69 15.74 5.64
C TYR A 190 6.11 16.39 4.38
N ASP A 191 6.56 17.61 4.14
CA ASP A 191 6.25 18.30 2.90
CA ASP A 191 6.31 18.35 2.92
C ASP A 191 6.98 17.62 1.73
N ALA A 192 6.46 17.85 0.53
CA ALA A 192 7.15 17.53 -0.71
C ALA A 192 7.61 18.84 -1.35
N PRO A 193 8.60 18.79 -2.27
CA PRO A 193 8.92 19.97 -3.08
C PRO A 193 7.70 20.49 -3.80
N GLU A 194 7.69 21.81 -4.08
CA GLU A 194 6.56 22.46 -4.73
CA GLU A 194 6.58 22.47 -4.75
C GLU A 194 6.24 21.78 -6.06
N LYS A 195 7.26 21.41 -6.84
CA LYS A 195 7.02 20.81 -8.14
C LYS A 195 6.31 19.46 -8.01
N VAL A 196 6.62 18.72 -6.93
CA VAL A 196 5.96 17.45 -6.70
C VAL A 196 4.51 17.68 -6.28
N LYS A 197 4.28 18.65 -5.38
CA LYS A 197 2.93 18.97 -4.97
C LYS A 197 2.08 19.38 -6.18
N THR A 198 2.68 20.18 -7.08
CA THR A 198 1.95 20.76 -8.19
C THR A 198 1.72 19.73 -9.31
N GLU A 199 2.71 18.87 -9.57
CA GLU A 199 2.66 18.03 -10.75
C GLU A 199 2.32 16.58 -10.45
N VAL A 200 2.50 16.12 -9.20
CA VAL A 200 2.38 14.70 -8.87
C VAL A 200 1.20 14.43 -7.94
N PHE A 201 0.99 15.27 -6.93
CA PHE A 201 0.08 14.90 -5.85
C PHE A 201 -1.33 14.63 -6.36
N LYS A 202 -1.84 15.46 -7.28
CA LYS A 202 -3.22 15.32 -7.71
C LYS A 202 -3.43 13.99 -8.43
N GLN A 203 -2.58 13.64 -9.40
CA GLN A 203 -2.74 12.41 -10.14
C GLN A 203 -2.37 11.22 -9.26
N GLY A 204 -1.46 11.44 -8.33
CA GLY A 204 -1.01 10.37 -7.44
C GLY A 204 0.35 9.80 -7.85
N TYR A 205 0.63 9.82 -9.16
CA TYR A 205 1.89 9.31 -9.69
C TYR A 205 2.19 10.08 -10.97
N LEU A 206 3.45 10.02 -11.39
CA LEU A 206 3.88 10.67 -12.62
C LEU A 206 5.10 9.94 -13.17
N SER A 207 4.98 9.43 -14.41
CA SER A 207 6.11 8.86 -15.12
C SER A 207 6.97 9.99 -15.66
N LEU A 208 8.25 10.00 -15.32
CA LEU A 208 9.14 11.11 -15.60
CA LEU A 208 9.18 11.09 -15.52
C LEU A 208 10.32 10.62 -16.42
N SER A 209 10.85 11.50 -17.27
CA SER A 209 12.11 11.20 -17.92
C SER A 209 13.24 11.46 -16.93
N GLN A 210 14.27 10.62 -16.93
CA GLN A 210 15.33 10.69 -15.93
C GLN A 210 15.98 12.07 -15.83
N GLU A 211 16.13 12.79 -16.95
CA GLU A 211 17.00 13.96 -16.96
C GLU A 211 16.40 15.13 -16.15
N VAL A 212 15.12 15.06 -15.78
CA VAL A 212 14.49 16.15 -15.06
C VAL A 212 14.40 15.86 -13.56
N LEU A 213 14.89 14.70 -13.12
CA LEU A 213 14.77 14.29 -11.71
C LEU A 213 15.28 15.35 -10.74
N PRO A 214 16.42 16.02 -10.95
CA PRO A 214 16.90 17.01 -9.98
C PRO A 214 15.86 18.06 -9.60
N ASP A 215 15.01 18.42 -10.57
CA ASP A 215 14.04 19.47 -10.39
C ASP A 215 12.94 19.09 -9.41
N TYR A 216 12.86 17.79 -9.05
CA TYR A 216 11.76 17.29 -8.24
C TYR A 216 12.24 16.77 -6.88
N ILE A 217 13.52 16.98 -6.53
CA ILE A 217 14.08 16.44 -5.30
C ILE A 217 14.64 17.59 -4.47
N GLY A 218 14.24 17.64 -3.20
CA GLY A 218 14.70 18.63 -2.25
C GLY A 218 15.66 18.02 -1.23
N ASP A 219 15.20 17.85 0.01
CA ASP A 219 16.08 17.37 1.06
C ASP A 219 16.35 15.87 0.98
N TYR A 220 15.29 15.07 0.77
CA TYR A 220 15.37 13.62 0.81
C TYR A 220 14.60 13.01 -0.37
N VAL A 221 15.04 11.82 -0.78
CA VAL A 221 14.29 11.05 -1.75
C VAL A 221 14.23 9.60 -1.27
N VAL A 222 13.03 9.03 -1.35
CA VAL A 222 12.76 7.63 -1.04
C VAL A 222 12.52 6.93 -2.37
N ILE A 223 13.25 5.85 -2.64
CA ILE A 223 13.18 5.19 -3.95
C ILE A 223 12.85 3.72 -3.76
N ALA A 224 11.71 3.31 -4.33
CA ALA A 224 11.29 1.92 -4.30
C ALA A 224 11.74 1.21 -5.57
N ALA A 225 12.17 -0.04 -5.43
CA ALA A 225 12.50 -0.89 -6.57
C ALA A 225 12.35 -2.34 -6.18
N GLU A 226 12.13 -3.21 -7.17
CA GLU A 226 11.95 -4.63 -6.92
C GLU A 226 13.27 -5.39 -6.77
N ASP A 227 14.36 -4.80 -7.27
CA ASP A 227 15.67 -5.42 -7.17
C ASP A 227 16.72 -4.31 -7.10
N ASP A 228 17.91 -4.64 -6.60
CA ASP A 228 18.85 -3.60 -6.19
C ASP A 228 19.73 -3.15 -7.36
N LYS A 229 19.55 -3.76 -8.55
CA LYS A 229 20.40 -3.48 -9.70
C LYS A 229 19.75 -2.47 -10.66
N THR A 230 18.42 -2.35 -10.63
CA THR A 230 17.68 -1.55 -11.59
C THR A 230 18.19 -0.11 -11.65
N GLY A 231 18.56 0.48 -10.51
CA GLY A 231 18.93 1.89 -10.48
C GLY A 231 20.38 2.21 -10.88
N SER A 232 21.19 1.22 -11.28
CA SER A 232 22.65 1.35 -11.32
C SER A 232 23.12 2.50 -12.20
N ALA A 233 22.66 2.54 -13.45
CA ALA A 233 23.16 3.51 -14.42
C ALA A 233 22.76 4.93 -13.99
N LEU A 234 21.54 5.06 -13.44
CA LEU A 234 21.07 6.32 -12.91
C LEU A 234 21.97 6.78 -11.77
N TYR A 235 22.16 5.90 -10.79
CA TYR A 235 22.80 6.29 -9.53
C TYR A 235 24.23 6.79 -9.77
N GLU A 236 24.94 6.20 -10.74
CA GLU A 236 26.34 6.57 -10.96
C GLU A 236 26.46 7.81 -11.85
N SER A 237 25.37 8.22 -12.51
CA SER A 237 25.40 9.33 -13.45
C SER A 237 25.78 10.63 -12.76
N LYS A 238 26.50 11.48 -13.49
CA LYS A 238 26.80 12.85 -13.07
C LYS A 238 25.52 13.57 -12.69
N LEU A 239 24.45 13.36 -13.48
CA LEU A 239 23.17 13.99 -13.24
C LEU A 239 22.71 13.68 -11.82
N TRP A 240 22.61 12.39 -11.51
CA TRP A 240 22.14 11.96 -10.20
C TRP A 240 23.07 12.44 -9.09
N GLN A 241 24.39 12.26 -9.31
CA GLN A 241 25.37 12.61 -8.31
C GLN A 241 25.44 14.12 -8.07
N SER A 242 24.89 14.92 -9.00
CA SER A 242 24.87 16.37 -8.87
C SER A 242 23.74 16.84 -7.95
N ILE A 243 22.76 15.96 -7.66
CA ILE A 243 21.60 16.34 -6.87
C ILE A 243 22.04 16.54 -5.41
N PRO A 244 21.76 17.71 -4.80
CA PRO A 244 22.15 17.93 -3.41
C PRO A 244 21.74 16.81 -2.45
N ALA A 245 20.51 16.29 -2.56
CA ALA A 245 20.09 15.23 -1.65
C ALA A 245 21.00 14.01 -1.76
N VAL A 246 21.49 13.73 -2.98
CA VAL A 246 22.36 12.59 -3.20
C VAL A 246 23.73 12.86 -2.58
N LYS A 247 24.25 14.08 -2.77
CA LYS A 247 25.52 14.48 -2.20
C LYS A 247 25.49 14.40 -0.68
N LYS A 248 24.32 14.67 -0.09
CA LYS A 248 24.18 14.69 1.37
C LYS A 248 23.91 13.28 1.92
N HIS A 249 23.75 12.29 1.05
CA HIS A 249 23.42 10.93 1.46
C HIS A 249 22.01 10.86 2.10
N HIS A 250 21.09 11.60 1.48
CA HIS A 250 19.68 11.62 1.88
C HIS A 250 18.82 10.81 0.90
N VAL A 251 19.37 9.69 0.44
CA VAL A 251 18.64 8.77 -0.42
C VAL A 251 18.30 7.54 0.39
N ILE A 252 17.02 7.15 0.37
CA ILE A 252 16.56 5.99 1.11
C ILE A 252 16.00 4.99 0.11
N LYS A 253 16.69 3.87 -0.06
CA LYS A 253 16.29 2.86 -1.04
C LYS A 253 15.50 1.78 -0.33
N VAL A 254 14.32 1.46 -0.85
CA VAL A 254 13.40 0.54 -0.20
C VAL A 254 12.97 -0.56 -1.18
N ASN A 255 12.49 -1.66 -0.62
CA ASN A 255 12.09 -2.82 -1.39
C ASN A 255 10.62 -2.70 -1.76
N ALA A 256 10.36 -2.51 -3.05
CA ALA A 256 9.00 -2.36 -3.56
C ALA A 256 8.12 -3.58 -3.27
N ASN A 257 8.70 -4.77 -3.08
N ASN A 257 8.71 -4.76 -3.07
CA ASN A 257 7.84 -5.93 -2.91
CA ASN A 257 7.92 -5.96 -2.85
C ASN A 257 6.95 -5.78 -1.68
C ASN A 257 6.96 -5.77 -1.68
N VAL A 258 7.36 -4.96 -0.70
CA VAL A 258 6.45 -4.57 0.37
CA VAL A 258 6.50 -4.55 0.40
C VAL A 258 6.06 -3.10 0.23
N PHE A 259 6.95 -2.23 -0.27
CA PHE A 259 6.64 -0.80 -0.33
C PHE A 259 5.60 -0.43 -1.37
N TYR A 260 5.23 -1.31 -2.31
CA TYR A 260 4.11 -0.98 -3.18
C TYR A 260 2.82 -0.79 -2.39
N PHE A 261 2.72 -1.40 -1.20
CA PHE A 261 1.46 -1.59 -0.51
C PHE A 261 1.11 -0.45 0.44
N THR A 262 -0.16 -0.46 0.85
CA THR A 262 -0.77 0.58 1.66
C THR A 262 -1.57 -0.03 2.81
N ASP A 263 -1.52 -1.36 3.00
CA ASP A 263 -2.36 -2.03 3.98
C ASP A 263 -1.70 -1.98 5.36
N PRO A 264 -2.44 -2.28 6.44
CA PRO A 264 -1.87 -2.15 7.79
C PRO A 264 -0.62 -2.97 8.05
N LEU A 265 -0.58 -4.22 7.55
CA LEU A 265 0.55 -5.11 7.79
CA LEU A 265 0.56 -5.08 7.81
C LEU A 265 1.79 -4.57 7.08
N SER A 266 1.66 -4.27 5.80
CA SER A 266 2.77 -3.72 5.04
C SER A 266 3.24 -2.39 5.63
N LEU A 267 2.29 -1.54 6.02
CA LEU A 267 2.64 -0.22 6.53
C LEU A 267 3.35 -0.30 7.88
N GLU A 268 3.06 -1.29 8.71
CA GLU A 268 3.78 -1.44 9.96
C GLU A 268 5.27 -1.63 9.68
N TYR A 269 5.57 -2.47 8.69
CA TYR A 269 6.95 -2.72 8.29
C TYR A 269 7.57 -1.46 7.67
N GLN A 270 6.84 -0.80 6.78
CA GLN A 270 7.35 0.40 6.15
C GLN A 270 7.65 1.47 7.20
N LEU A 271 6.76 1.59 8.20
CA LEU A 271 6.93 2.62 9.21
C LEU A 271 8.24 2.45 9.97
N GLU A 272 8.50 1.25 10.46
CA GLU A 272 9.74 1.00 11.19
C GLU A 272 10.95 1.14 10.28
N THR A 273 10.83 0.67 9.04
CA THR A 273 11.93 0.72 8.10
C THR A 273 12.30 2.18 7.79
N LEU A 274 11.29 3.02 7.52
CA LEU A 274 11.56 4.41 7.20
C LEU A 274 12.04 5.18 8.41
N ARG A 275 11.48 4.92 9.60
CA ARG A 275 12.00 5.56 10.80
C ARG A 275 13.50 5.27 10.92
N GLU A 276 13.86 4.00 10.85
CA GLU A 276 15.27 3.63 10.99
C GLU A 276 16.13 4.23 9.89
N ALA A 277 15.63 4.26 8.64
CA ALA A 277 16.42 4.78 7.54
C ALA A 277 16.67 6.28 7.70
N ILE A 278 15.67 7.03 8.15
CA ILE A 278 15.89 8.46 8.34
C ILE A 278 16.91 8.67 9.44
N LEU A 279 16.76 7.95 10.56
CA LEU A 279 17.73 8.11 11.63
C LEU A 279 19.13 7.75 11.11
N SER A 280 19.23 6.68 10.31
CA SER A 280 20.51 6.19 9.83
C SER A 280 21.18 7.13 8.83
N SER A 281 20.41 8.03 8.22
CA SER A 281 20.94 8.92 7.19
C SER A 281 21.96 9.87 7.78
N GLU A 282 21.99 10.00 9.11
CA GLU A 282 22.94 10.89 9.76
C GLU A 282 24.01 10.10 10.51
N ASN A 283 24.23 8.83 10.12
CA ASN A 283 25.37 8.07 10.62
C ASN A 283 26.62 8.48 9.83
FE 0UE B . -0.48 0.64 -9.10
O11 0UE B . -2.36 1.19 -8.74
O12 0UE B . -0.38 1.32 -7.18
O21 0UE B . -0.72 -1.32 -8.66
O22 0UE B . 1.41 -0.12 -9.20
O31 0UE B . 0.11 2.38 -9.84
O32 0UE B . -1.02 0.31 -10.94
N11 0UE B . -2.57 1.62 -7.53
C11 0UE B . -1.51 1.69 -6.66
C12 0UE B . -1.59 2.19 -5.27
C13 0UE B . -0.89 1.29 -4.26
C14 0UE B . -1.48 -0.09 -4.23
O13 0UE B . -2.67 -0.29 -4.48
N12 0UE B . -0.63 -1.08 -3.95
C15 0UE B . -1.00 -2.48 -3.93
C16 0UE B . 0.14 -3.36 -4.38
C18 0UE B . -0.33 -3.61 -6.92
C17 0UE B . 0.63 -3.15 -5.82
C19 0UE B . 0.22 -3.43 -8.30
N21 0UE B . 0.38 -2.02 -8.66
C21 0UE B . 1.54 -1.38 -8.94
C22 0UE B . 2.88 -2.02 -9.03
C23 0UE B . 3.34 -2.13 -10.47
C24 0UE B . 3.78 -0.80 -11.04
O23 0UE B . 4.54 -0.06 -10.43
N22 0UE B . 3.35 -0.52 -12.27
C25 0UE B . 3.71 0.68 -13.04
C26 0UE B . 2.68 1.79 -12.91
C27 0UE B . 2.71 2.50 -11.58
C28 0UE B . 1.89 3.79 -11.48
C29 0UE B . 0.42 3.59 -11.76
N31 0UE B . -0.11 2.38 -11.12
C31 0UE B . -0.71 1.28 -11.70
C32 0UE B . -0.99 1.15 -13.15
C39 0UE B . -3.93 2.07 -7.23
C40 0UE B . -4.97 1.20 -7.83
C41 0UE B . -5.05 -0.08 -7.10
C42 0UE B . -4.07 -1.16 -7.56
C43 0UE B . -4.21 -1.55 -9.02
N44 0UE B . -3.12 -2.42 -9.50
ZN ZN C . -30.63 -11.56 -0.13
ZN ZN D . -9.57 -3.93 -20.20
ZN ZN D . -9.79 -4.99 -21.41
ZN ZN E . 9.61 2.97 -20.60
ZN ZN F . 29.04 10.93 -0.40
C1 EDO G . 15.51 -2.94 -3.34
O1 EDO G . 16.85 -2.84 -2.95
C2 EDO G . 15.08 -4.34 -3.64
O2 EDO G . 16.15 -5.25 -3.81
S10 03S H . -1.25 -25.80 -5.75
O11 03S H . -0.18 -25.95 -6.81
O12 03S H . -1.98 -27.13 -5.83
C13 03S H . -0.53 -25.58 -4.11
OXT 03S H . -2.15 -24.65 -6.09
NA NA I . -7.07 -2.64 -5.77
NA NA J . 14.09 22.51 2.03
#